data_7OOX
#
_entry.id   7OOX
#
_cell.length_a   94.804
_cell.length_b   94.804
_cell.length_c   80.399
_cell.angle_alpha   90.000
_cell.angle_beta   90.000
_cell.angle_gamma   120.000
#
_symmetry.space_group_name_H-M   'P 65'
#
loop_
_entity.id
_entity.type
_entity.pdbx_description
1 polymer 'Serine/threonine-protein kinase pim-1'
2 polymer 'Inhibitor ARC-3126'
3 non-polymer 'PHOSPHATE ION'
4 non-polymer 1,2-ETHANEDIOL
5 water water
#
loop_
_entity_poly.entity_id
_entity_poly.type
_entity_poly.pdbx_seq_one_letter_code
_entity_poly.pdbx_strand_id
1 'polypeptide(L)'
;SMLLSKINSLAHLRAAPCNDLHATKLAPGKEKEPLESQYQVGPLLGSGGFGSVYSGIRVSDNLPVAIKHVEKDRISDWGE
LPNGTRVPMEVVLLKKVSSGFSGVIRLLDWFERPDSFVLILERPEPVQDLFDFITERGALQEELARSFFWQVLEAVRHCH
NCGVLHRDIKDENILIDLNRGELKLIDFGSGALLKDTVYTDFDGTRVYSPPEWIRYHRYHGRSAAVWSLGILLYDMVCGD
IPFEHDEEIIGGQVFFRQRVSSECQHLIRWCLALRPSDRPTFEEIQNHPWMQDVLLPQETAEIHLHSLSPGPS
;
A
2 'polypeptide(L)' (06E)(DAR)(DAR)(DAR)(DAR)(DAR)(DAR)(DLY)(NH2) B
#
# COMPACT_ATOMS: atom_id res chain seq x y z
N SER A 1 12.38 -24.67 -6.22
CA SER A 1 12.26 -24.90 -7.69
C SER A 1 13.01 -23.78 -8.43
N MET A 2 13.51 -24.07 -9.62
CA MET A 2 14.11 -23.02 -10.50
C MET A 2 12.98 -22.22 -11.15
N LEU A 3 13.03 -20.90 -11.05
CA LEU A 3 12.19 -20.01 -11.91
C LEU A 3 12.70 -20.10 -13.35
N LEU A 4 11.91 -20.65 -14.26
CA LEU A 4 12.29 -20.82 -15.69
C LEU A 4 11.44 -19.87 -16.52
N SER A 5 11.73 -19.72 -17.81
CA SER A 5 11.04 -18.77 -18.74
C SER A 5 9.53 -19.03 -18.79
N LYS A 6 9.16 -20.30 -18.88
CA LYS A 6 7.76 -20.73 -19.03
C LYS A 6 7.44 -21.81 -18.00
N ILE A 7 6.17 -21.95 -17.67
CA ILE A 7 5.68 -23.03 -16.80
C ILE A 7 6.06 -24.40 -17.42
N ASN A 8 6.10 -24.51 -18.74
CA ASN A 8 6.36 -25.81 -19.39
C ASN A 8 7.73 -25.81 -20.11
N SER A 9 8.71 -25.01 -19.63
CA SER A 9 10.09 -24.96 -20.23
C SER A 9 10.72 -26.36 -20.26
N LEU A 10 10.43 -27.22 -19.27
CA LEU A 10 10.94 -28.62 -19.19
C LEU A 10 10.02 -29.66 -19.86
N ALA A 11 9.09 -29.29 -20.75
CA ALA A 11 8.01 -30.20 -21.25
C ALA A 11 8.54 -31.17 -22.33
N HIS A 12 9.73 -30.89 -22.86
CA HIS A 12 10.32 -31.58 -24.05
C HIS A 12 11.81 -31.90 -23.78
N LEU A 13 12.31 -32.99 -24.39
CA LEU A 13 13.75 -33.40 -24.38
C LEU A 13 14.64 -32.19 -24.63
N ARG A 14 14.28 -31.31 -25.56
CA ARG A 14 14.96 -30.00 -25.78
C ARG A 14 14.76 -29.05 -24.57
N ALA A 15 15.87 -28.56 -23.98
CA ALA A 15 15.97 -27.79 -22.70
C ALA A 15 14.88 -26.71 -22.60
N SER A 37 19.12 -12.37 -13.55
CA SER A 37 19.73 -13.39 -12.66
C SER A 37 18.84 -14.63 -12.59
N GLN A 38 19.36 -15.71 -11.99
CA GLN A 38 18.65 -16.96 -11.62
C GLN A 38 17.83 -16.66 -10.36
N TYR A 39 16.62 -17.21 -10.26
CA TYR A 39 15.79 -17.20 -9.03
C TYR A 39 15.38 -18.63 -8.68
N GLN A 40 15.36 -18.91 -7.39
CA GLN A 40 14.77 -20.13 -6.76
C GLN A 40 13.41 -19.69 -6.14
N VAL A 41 12.38 -20.51 -6.35
CA VAL A 41 11.00 -20.22 -5.92
C VAL A 41 10.59 -21.29 -4.94
N GLY A 42 9.95 -20.87 -3.86
CA GLY A 42 9.37 -21.74 -2.85
C GLY A 42 7.85 -21.64 -2.84
N PRO A 43 7.25 -21.86 -1.67
CA PRO A 43 5.80 -21.84 -1.52
C PRO A 43 5.21 -20.42 -1.56
N LEU A 44 3.90 -20.34 -1.72
CA LEU A 44 3.14 -19.11 -1.46
C LEU A 44 3.66 -18.49 -0.14
N LEU A 45 3.84 -17.18 -0.12
CA LEU A 45 4.17 -16.42 1.11
C LEU A 45 3.03 -16.59 2.08
N GLY A 46 3.35 -16.78 3.37
CA GLY A 46 2.37 -16.97 4.45
C GLY A 46 1.24 -15.96 4.33
N SER A 47 -0.02 -16.43 4.24
CA SER A 47 -1.24 -15.63 3.92
C SER A 47 -2.52 -16.40 4.26
N GLY A 48 -3.52 -15.70 4.82
CA GLY A 48 -4.91 -16.17 4.89
C GLY A 48 -5.71 -15.81 3.65
N GLY A 49 -5.11 -15.08 2.70
CA GLY A 49 -5.78 -14.62 1.47
C GLY A 49 -5.47 -15.54 0.31
N PHE A 50 -5.55 -15.02 -0.92
CA PHE A 50 -5.30 -15.81 -2.14
C PHE A 50 -4.58 -14.95 -3.18
N GLY A 51 -3.61 -14.13 -2.74
CA GLY A 51 -2.64 -13.49 -3.64
C GLY A 51 -1.68 -14.50 -4.25
N SER A 52 -1.15 -14.20 -5.43
CA SER A 52 -0.25 -15.12 -6.19
C SER A 52 1.18 -14.62 -5.99
N VAL A 53 1.61 -14.53 -4.74
CA VAL A 53 2.98 -14.09 -4.39
C VAL A 53 3.71 -15.24 -3.69
N TYR A 54 4.90 -15.57 -4.16
CA TYR A 54 5.66 -16.75 -3.71
C TYR A 54 6.94 -16.27 -3.09
N SER A 55 7.46 -17.03 -2.16
CA SER A 55 8.81 -16.84 -1.61
C SER A 55 9.86 -17.17 -2.67
N GLY A 56 10.91 -16.37 -2.73
CA GLY A 56 11.97 -16.53 -3.72
C GLY A 56 13.32 -16.16 -3.16
N ILE A 57 14.37 -16.51 -3.88
CA ILE A 57 15.76 -16.09 -3.63
C ILE A 57 16.38 -15.70 -4.96
N ARG A 58 17.09 -14.58 -5.04
CA ARG A 58 18.06 -14.32 -6.13
C ARG A 58 19.30 -15.18 -5.87
N VAL A 59 19.61 -16.10 -6.75
CA VAL A 59 20.70 -17.07 -6.54
C VAL A 59 22.06 -16.34 -6.42
N SER A 60 22.32 -15.30 -7.23
CA SER A 60 23.66 -14.65 -7.30
C SER A 60 24.13 -14.27 -5.89
N ASP A 61 23.24 -13.68 -5.07
CA ASP A 61 23.62 -12.98 -3.81
C ASP A 61 22.75 -13.43 -2.64
N ASN A 62 21.93 -14.48 -2.80
CA ASN A 62 20.96 -15.01 -1.79
C ASN A 62 19.96 -13.94 -1.34
N LEU A 63 19.64 -12.95 -2.16
CA LEU A 63 18.71 -11.89 -1.72
C LEU A 63 17.31 -12.47 -1.66
N PRO A 64 16.60 -12.35 -0.53
CA PRO A 64 15.18 -12.68 -0.48
C PRO A 64 14.35 -11.81 -1.47
N VAL A 65 13.44 -12.44 -2.20
CA VAL A 65 12.49 -11.72 -3.07
C VAL A 65 11.10 -12.29 -2.87
N ALA A 66 10.13 -11.52 -3.33
CA ALA A 66 8.73 -11.90 -3.51
C ALA A 66 8.44 -12.01 -5.02
N ILE A 67 7.94 -13.15 -5.47
CA ILE A 67 7.67 -13.45 -6.90
C ILE A 67 6.17 -13.41 -7.13
N LYS A 68 5.68 -12.34 -7.76
CA LYS A 68 4.23 -12.12 -7.98
C LYS A 68 3.88 -12.44 -9.42
N HIS A 69 2.86 -13.28 -9.62
CA HIS A 69 2.30 -13.61 -10.94
C HIS A 69 1.05 -12.79 -11.21
N VAL A 70 0.92 -12.28 -12.44
CA VAL A 70 -0.25 -11.51 -12.88
C VAL A 70 -0.77 -12.13 -14.16
N GLU A 71 -2.02 -12.55 -14.13
CA GLU A 71 -2.68 -13.34 -15.19
C GLU A 71 -3.16 -12.36 -16.28
N LYS A 72 -2.69 -12.54 -17.53
CA LYS A 72 -3.01 -11.56 -18.63
C LYS A 72 -4.53 -11.39 -18.74
N ASP A 73 -5.31 -12.47 -18.71
CA ASP A 73 -6.78 -12.44 -18.98
CA ASP A 73 -6.77 -12.41 -18.98
C ASP A 73 -7.49 -11.71 -17.82
N ARG A 74 -6.78 -11.32 -16.74
CA ARG A 74 -7.40 -10.61 -15.59
C ARG A 74 -6.90 -9.17 -15.47
N ILE A 75 -6.09 -8.72 -16.41
CA ILE A 75 -5.60 -7.31 -16.41
C ILE A 75 -6.67 -6.41 -17.05
N SER A 76 -7.23 -5.50 -16.27
CA SER A 76 -8.23 -4.50 -16.70
C SER A 76 -7.52 -3.23 -17.18
N ASP A 77 -6.33 -2.90 -16.64
CA ASP A 77 -5.55 -1.65 -16.95
C ASP A 77 -4.15 -1.97 -17.44
N TRP A 78 -3.87 -1.61 -18.70
CA TRP A 78 -2.56 -1.70 -19.38
C TRP A 78 -1.94 -0.32 -19.54
N GLY A 79 -0.62 -0.27 -19.79
CA GLY A 79 0.12 0.96 -20.13
C GLY A 79 1.39 0.67 -20.91
N GLU A 80 2.29 1.67 -20.99
CA GLU A 80 3.54 1.62 -21.77
C GLU A 80 4.71 2.10 -20.91
N LEU A 81 5.86 1.44 -21.02
CA LEU A 81 7.12 1.83 -20.33
C LEU A 81 7.78 3.00 -21.06
N PRO A 82 8.83 3.62 -20.48
CA PRO A 82 9.70 4.54 -21.23
C PRO A 82 10.07 3.93 -22.61
N ASN A 83 10.32 2.62 -22.66
CA ASN A 83 10.42 1.80 -23.92
C ASN A 83 9.43 2.27 -24.97
N GLY A 84 8.15 2.38 -24.61
CA GLY A 84 6.99 2.24 -25.51
C GLY A 84 6.63 0.78 -25.71
N THR A 85 6.50 0.00 -24.63
CA THR A 85 6.16 -1.46 -24.62
C THR A 85 5.00 -1.74 -23.63
N ARG A 86 4.12 -2.68 -23.99
CA ARG A 86 2.76 -2.88 -23.43
C ARG A 86 2.83 -3.84 -22.24
N VAL A 87 2.58 -3.28 -21.04
CA VAL A 87 2.66 -4.05 -19.78
C VAL A 87 1.44 -3.72 -18.93
N PRO A 88 1.14 -4.53 -17.91
CA PRO A 88 0.16 -4.13 -16.93
C PRO A 88 0.52 -2.70 -16.44
N MET A 89 -0.49 -1.88 -16.21
CA MET A 89 -0.34 -0.57 -15.52
C MET A 89 0.44 -0.79 -14.22
N GLU A 90 0.19 -1.88 -13.50
CA GLU A 90 0.94 -2.19 -12.25
C GLU A 90 2.46 -2.09 -12.51
N VAL A 91 2.97 -2.55 -13.65
CA VAL A 91 4.45 -2.56 -13.90
C VAL A 91 4.90 -1.12 -14.14
N VAL A 92 4.10 -0.34 -14.89
CA VAL A 92 4.37 1.08 -15.23
C VAL A 92 4.51 1.85 -13.91
N LEU A 93 3.58 1.65 -12.99
CA LEU A 93 3.53 2.38 -11.71
C LEU A 93 4.71 1.94 -10.85
N LEU A 94 4.96 0.66 -10.74
CA LEU A 94 6.08 0.15 -9.90
C LEU A 94 7.40 0.76 -10.40
N LYS A 95 7.58 0.80 -11.72
CA LYS A 95 8.85 1.28 -12.27
C LYS A 95 9.03 2.75 -11.92
N LYS A 96 7.94 3.51 -11.94
CA LYS A 96 7.97 4.95 -11.66
C LYS A 96 8.38 5.21 -10.19
N VAL A 97 7.98 4.39 -9.24
CA VAL A 97 8.18 4.65 -7.77
C VAL A 97 9.41 3.90 -7.26
N SER A 98 10.01 3.02 -8.08
CA SER A 98 11.10 2.11 -7.66
C SER A 98 12.46 2.80 -7.89
N SER A 99 12.42 4.07 -8.23
CA SER A 99 13.57 5.01 -8.34
C SER A 99 14.10 5.36 -6.96
N GLY A 100 15.37 5.04 -6.69
CA GLY A 100 16.03 5.37 -5.41
C GLY A 100 15.45 4.55 -4.29
N PHE A 101 15.41 5.11 -3.09
CA PHE A 101 15.06 4.40 -1.84
C PHE A 101 13.79 5.06 -1.28
N SER A 102 12.89 4.29 -0.70
CA SER A 102 11.69 4.86 -0.07
C SER A 102 10.89 3.77 0.65
N GLY A 103 9.78 4.20 1.22
CA GLY A 103 8.76 3.37 1.86
C GLY A 103 7.86 2.75 0.82
N VAL A 104 8.43 2.34 -0.32
CA VAL A 104 7.72 1.48 -1.34
C VAL A 104 8.54 0.21 -1.59
N ILE A 105 7.87 -0.97 -1.64
CA ILE A 105 8.51 -2.25 -2.09
C ILE A 105 8.90 -2.04 -3.55
N ARG A 106 10.18 -2.16 -3.86
CA ARG A 106 10.72 -1.91 -5.20
C ARG A 106 10.52 -3.16 -6.08
N LEU A 107 10.15 -2.92 -7.32
CA LEU A 107 10.27 -3.92 -8.43
C LEU A 107 11.75 -4.10 -8.82
N LEU A 108 12.32 -5.29 -8.62
CA LEU A 108 13.75 -5.57 -8.92
C LEU A 108 13.88 -6.05 -10.38
N ASP A 109 12.83 -6.56 -10.97
CA ASP A 109 12.89 -7.24 -12.29
C ASP A 109 11.47 -7.69 -12.64
N TRP A 110 11.22 -8.00 -13.89
CA TRP A 110 9.95 -8.56 -14.36
C TRP A 110 10.23 -9.24 -15.70
N PHE A 111 9.36 -10.14 -16.11
CA PHE A 111 9.34 -10.63 -17.51
C PHE A 111 7.95 -11.10 -17.89
N GLU A 112 7.78 -11.24 -19.18
CA GLU A 112 6.53 -11.64 -19.81
C GLU A 112 6.60 -13.14 -20.11
N ARG A 113 5.49 -13.81 -19.91
CA ARG A 113 5.23 -15.21 -20.33
C ARG A 113 4.02 -15.17 -21.25
N PRO A 114 3.72 -16.28 -21.97
CA PRO A 114 2.60 -16.28 -22.93
C PRO A 114 1.29 -15.76 -22.34
N ASP A 115 1.00 -16.06 -21.08
CA ASP A 115 -0.36 -15.85 -20.50
C ASP A 115 -0.29 -15.06 -19.20
N SER A 116 0.87 -14.50 -18.85
CA SER A 116 1.09 -13.84 -17.55
C SER A 116 2.31 -12.93 -17.60
N PHE A 117 2.45 -12.08 -16.59
CA PHE A 117 3.68 -11.38 -16.21
C PHE A 117 4.19 -11.87 -14.86
N VAL A 118 5.50 -11.86 -14.72
CA VAL A 118 6.20 -12.26 -13.48
C VAL A 118 6.96 -11.05 -12.96
N LEU A 119 6.65 -10.65 -11.73
CA LEU A 119 7.23 -9.48 -11.05
C LEU A 119 8.13 -10.00 -9.94
N ILE A 120 9.35 -9.52 -9.87
CA ILE A 120 10.30 -9.84 -8.78
C ILE A 120 10.46 -8.59 -7.87
N LEU A 121 10.00 -8.70 -6.65
CA LEU A 121 9.81 -7.56 -5.73
C LEU A 121 10.70 -7.79 -4.51
N GLU A 122 11.02 -6.75 -3.79
CA GLU A 122 11.80 -6.85 -2.55
C GLU A 122 11.01 -7.64 -1.52
N ARG A 123 11.72 -8.32 -0.64
CA ARG A 123 11.12 -9.08 0.49
C ARG A 123 11.94 -8.79 1.73
N PRO A 124 11.55 -7.87 2.61
CA PRO A 124 12.24 -7.75 3.88
C PRO A 124 12.00 -9.00 4.72
N GLU A 125 12.92 -9.29 5.63
CA GLU A 125 12.92 -10.47 6.51
C GLU A 125 13.51 -10.00 7.85
N PRO A 126 12.85 -10.21 9.01
CA PRO A 126 11.44 -10.59 9.08
C PRO A 126 10.48 -9.46 8.72
N VAL A 127 9.25 -9.82 8.42
CA VAL A 127 8.22 -8.89 7.90
C VAL A 127 6.87 -9.30 8.46
N GLN A 128 5.99 -8.35 8.71
CA GLN A 128 4.54 -8.59 8.97
C GLN A 128 3.75 -7.41 8.36
N ASP A 129 2.58 -7.67 7.79
CA ASP A 129 1.72 -6.58 7.26
C ASP A 129 1.01 -5.91 8.42
N LEU A 130 0.53 -4.70 8.20
CA LEU A 130 0.06 -3.84 9.32
C LEU A 130 -1.27 -4.37 9.86
N PHE A 131 -2.05 -5.05 9.02
CA PHE A 131 -3.34 -5.69 9.38
C PHE A 131 -3.08 -6.79 10.41
N ASP A 132 -2.15 -7.70 10.10
CA ASP A 132 -1.77 -8.80 11.03
C ASP A 132 -1.14 -8.21 12.30
N PHE A 133 -0.32 -7.19 12.17
CA PHE A 133 0.29 -6.51 13.33
C PHE A 133 -0.82 -6.02 14.29
N ILE A 134 -1.87 -5.39 13.75
CA ILE A 134 -2.99 -4.79 14.56
C ILE A 134 -3.82 -5.91 15.20
N THR A 135 -4.16 -6.95 14.44
CA THR A 135 -4.79 -8.20 14.96
C THR A 135 -4.05 -8.65 16.23
N GLU A 136 -2.75 -8.71 16.17
CA GLU A 136 -1.92 -9.35 17.19
C GLU A 136 -1.78 -8.41 18.39
N ARG A 137 -1.71 -7.10 18.15
CA ARG A 137 -1.31 -6.14 19.20
C ARG A 137 -2.46 -5.21 19.55
N GLY A 138 -3.56 -5.27 18.82
CA GLY A 138 -4.74 -4.41 19.02
C GLY A 138 -4.42 -2.95 18.67
N ALA A 139 -5.16 -2.02 19.26
CA ALA A 139 -4.99 -0.55 19.10
C ALA A 139 -3.56 -0.16 19.45
N LEU A 140 -2.88 0.55 18.56
CA LEU A 140 -1.47 0.97 18.76
C LEU A 140 -1.41 2.19 19.68
N GLN A 141 -0.37 2.25 20.50
CA GLN A 141 -0.03 3.46 21.28
C GLN A 141 0.12 4.64 20.29
N GLU A 142 -0.22 5.86 20.70
CA GLU A 142 -0.18 7.01 19.78
C GLU A 142 1.26 7.30 19.28
N GLU A 143 2.29 7.08 20.10
CA GLU A 143 3.69 7.30 19.63
C GLU A 143 4.01 6.34 18.46
N LEU A 144 3.53 5.10 18.49
CA LEU A 144 3.79 4.10 17.45
C LEU A 144 2.99 4.47 16.20
N ALA A 145 1.72 4.77 16.40
CA ALA A 145 0.82 5.20 15.32
C ALA A 145 1.42 6.44 14.62
N ARG A 146 1.98 7.39 15.38
CA ARG A 146 2.55 8.63 14.81
C ARG A 146 3.75 8.29 13.89
N SER A 147 4.68 7.45 14.36
CA SER A 147 5.84 7.01 13.55
C SER A 147 5.33 6.33 12.24
N PHE A 148 4.46 5.35 12.39
CA PHE A 148 3.89 4.56 11.27
C PHE A 148 3.15 5.49 10.30
N PHE A 149 2.26 6.33 10.78
CA PHE A 149 1.42 7.18 9.91
C PHE A 149 2.35 8.16 9.16
N TRP A 150 3.36 8.68 9.87
CA TRP A 150 4.28 9.69 9.27
C TRP A 150 4.97 9.05 8.08
N GLN A 151 5.48 7.80 8.27
CA GLN A 151 6.19 7.03 7.24
C GLN A 151 5.29 6.78 6.03
N VAL A 152 4.01 6.41 6.25
CA VAL A 152 3.05 6.20 5.14
C VAL A 152 2.83 7.54 4.44
N LEU A 153 2.71 8.65 5.18
CA LEU A 153 2.53 9.97 4.49
C LEU A 153 3.72 10.25 3.55
N GLU A 154 4.93 10.03 4.00
CA GLU A 154 6.17 10.24 3.23
C GLU A 154 6.16 9.31 2.01
N ALA A 155 5.74 8.04 2.17
CA ALA A 155 5.72 7.08 1.04
C ALA A 155 4.69 7.52 -0.01
N VAL A 156 3.55 8.01 0.44
CA VAL A 156 2.48 8.43 -0.50
C VAL A 156 2.92 9.70 -1.24
N ARG A 157 3.54 10.63 -0.55
CA ARG A 157 4.08 11.84 -1.19
C ARG A 157 5.06 11.41 -2.27
N HIS A 158 5.93 10.44 -1.99
CA HIS A 158 6.92 9.92 -2.96
C HIS A 158 6.17 9.42 -4.20
N CYS A 159 5.12 8.64 -4.00
CA CYS A 159 4.33 8.08 -5.12
C CYS A 159 3.82 9.26 -5.97
N HIS A 160 3.17 10.25 -5.35
CA HIS A 160 2.59 11.39 -6.08
C HIS A 160 3.72 12.13 -6.87
N ASN A 161 4.86 12.38 -6.25
CA ASN A 161 6.00 13.09 -6.88
C ASN A 161 6.45 12.30 -8.11
N CYS A 162 6.26 10.99 -8.10
CA CYS A 162 6.62 10.10 -9.22
C CYS A 162 5.45 9.97 -10.19
N GLY A 163 4.36 10.68 -9.95
CA GLY A 163 3.24 10.68 -10.90
C GLY A 163 2.36 9.45 -10.73
N VAL A 164 2.31 8.85 -9.55
CA VAL A 164 1.58 7.59 -9.31
C VAL A 164 0.53 7.79 -8.21
N LEU A 165 -0.67 7.35 -8.45
CA LEU A 165 -1.74 7.33 -7.42
C LEU A 165 -1.99 5.85 -7.05
N HIS A 166 -1.81 5.49 -5.79
CA HIS A 166 -1.93 4.09 -5.31
C HIS A 166 -3.40 3.64 -5.39
N ARG A 167 -4.30 4.44 -4.86
CA ARG A 167 -5.78 4.23 -4.85
C ARG A 167 -6.22 3.07 -3.92
N ASP A 168 -5.36 2.46 -3.13
CA ASP A 168 -5.83 1.38 -2.22
C ASP A 168 -4.96 1.40 -0.94
N ILE A 169 -4.72 2.56 -0.36
CA ILE A 169 -3.93 2.69 0.92
C ILE A 169 -4.75 2.04 2.05
N LYS A 170 -4.20 1.03 2.69
CA LYS A 170 -4.88 0.33 3.82
C LYS A 170 -3.86 -0.55 4.53
N ASP A 171 -4.19 -0.99 5.73
CA ASP A 171 -3.23 -1.73 6.58
C ASP A 171 -2.75 -3.03 5.88
N GLU A 172 -3.59 -3.64 5.07
CA GLU A 172 -3.27 -4.90 4.35
C GLU A 172 -2.21 -4.63 3.27
N ASN A 173 -2.04 -3.39 2.84
CA ASN A 173 -1.12 -3.01 1.75
C ASN A 173 0.10 -2.30 2.33
N ILE A 174 0.40 -2.49 3.60
CA ILE A 174 1.59 -1.93 4.24
C ILE A 174 2.37 -3.07 4.89
N LEU A 175 3.62 -3.30 4.48
CA LEU A 175 4.54 -4.23 5.15
C LEU A 175 5.37 -3.48 6.19
N ILE A 176 5.56 -4.08 7.37
CA ILE A 176 6.53 -3.61 8.40
C ILE A 176 7.83 -4.42 8.29
N ASP A 177 8.93 -3.76 7.97
CA ASP A 177 10.30 -4.31 8.15
C ASP A 177 10.61 -4.23 9.64
N LEU A 178 10.37 -5.34 10.36
CA LEU A 178 10.41 -5.40 11.83
C LEU A 178 11.78 -5.01 12.40
N ASN A 179 12.89 -5.26 11.69
CA ASN A 179 14.25 -4.98 12.23
C ASN A 179 14.60 -3.50 12.08
N ARG A 180 14.14 -2.84 11.02
CA ARG A 180 14.53 -1.45 10.70
C ARG A 180 13.44 -0.46 11.18
N GLY A 181 12.27 -0.94 11.58
CA GLY A 181 11.11 -0.10 11.92
C GLY A 181 10.57 0.70 10.73
N GLU A 182 10.76 0.19 9.49
CA GLU A 182 10.39 0.90 8.25
C GLU A 182 9.12 0.31 7.66
N LEU A 183 8.20 1.16 7.20
CA LEU A 183 6.96 0.72 6.50
C LEU A 183 7.16 0.80 5.00
N LYS A 184 6.56 -0.12 4.26
CA LYS A 184 6.63 -0.24 2.79
C LYS A 184 5.23 -0.47 2.21
N LEU A 185 4.84 0.35 1.24
CA LEU A 185 3.57 0.17 0.48
C LEU A 185 3.75 -0.96 -0.50
N ILE A 186 2.73 -1.78 -0.66
CA ILE A 186 2.69 -2.82 -1.73
C ILE A 186 1.38 -2.66 -2.50
N ASP A 187 1.28 -3.42 -3.59
CA ASP A 187 0.06 -3.68 -4.41
C ASP A 187 -0.44 -2.38 -5.04
N PHE A 188 0.17 -2.09 -6.17
CA PHE A 188 -0.25 -1.05 -7.14
C PHE A 188 -1.19 -1.61 -8.20
N GLY A 189 -1.83 -2.76 -7.95
CA GLY A 189 -2.75 -3.38 -8.92
C GLY A 189 -4.03 -2.58 -9.14
N SER A 190 -4.35 -1.60 -8.30
CA SER A 190 -5.58 -0.77 -8.42
C SER A 190 -5.22 0.70 -8.74
N GLY A 191 -3.96 1.00 -8.89
CA GLY A 191 -3.48 2.39 -8.98
C GLY A 191 -3.70 2.97 -10.36
N ALA A 192 -3.29 4.20 -10.56
CA ALA A 192 -3.44 4.93 -11.82
C ALA A 192 -2.28 5.91 -11.90
N LEU A 193 -1.94 6.35 -13.10
CA LEU A 193 -1.18 7.61 -13.27
C LEU A 193 -1.91 8.70 -12.51
N LEU A 194 -1.19 9.52 -11.75
CA LEU A 194 -1.75 10.66 -11.04
C LEU A 194 -2.19 11.71 -12.07
N LYS A 195 -3.42 12.20 -11.98
CA LYS A 195 -3.87 13.40 -12.66
C LYS A 195 -4.58 14.31 -11.66
N ASP A 196 -4.69 15.60 -12.00
CA ASP A 196 -5.31 16.63 -11.12
C ASP A 196 -6.78 16.81 -11.47
N THR A 197 -7.28 16.08 -12.46
CA THR A 197 -8.70 16.11 -12.90
C THR A 197 -9.45 14.92 -12.30
N VAL A 198 -10.75 14.90 -12.52
CA VAL A 198 -11.66 13.98 -11.78
C VAL A 198 -11.51 12.53 -12.32
N TYR A 199 -11.59 11.57 -11.41
CA TYR A 199 -11.58 10.14 -11.73
C TYR A 199 -13.02 9.63 -11.66
N THR A 200 -13.38 8.75 -12.59
CA THR A 200 -14.75 8.20 -12.73
C THR A 200 -14.71 6.68 -12.54
N ASP A 201 -13.54 6.10 -12.28
CA ASP A 201 -13.37 4.63 -12.07
C ASP A 201 -12.78 4.42 -10.67
N PHE A 202 -13.13 3.34 -10.02
CA PHE A 202 -12.55 2.95 -8.72
C PHE A 202 -12.79 1.44 -8.45
N ASP A 203 -11.76 0.71 -7.98
CA ASP A 203 -11.71 -0.76 -7.91
C ASP A 203 -11.70 -1.23 -6.42
N GLY A 204 -11.68 -0.32 -5.45
CA GLY A 204 -11.60 -0.64 -4.00
C GLY A 204 -12.91 -1.21 -3.44
N THR A 205 -12.85 -1.72 -2.20
CA THR A 205 -14.00 -2.34 -1.50
C THR A 205 -14.87 -1.21 -0.90
N ARG A 206 -16.14 -1.51 -0.62
CA ARG A 206 -17.19 -0.58 -0.18
C ARG A 206 -16.77 0.14 1.13
N VAL A 207 -16.16 -0.57 2.09
CA VAL A 207 -15.84 0.01 3.42
C VAL A 207 -14.66 0.97 3.30
N TYR A 208 -13.98 0.99 2.16
CA TYR A 208 -12.85 1.96 1.96
C TYR A 208 -13.26 3.05 0.95
N SER A 209 -14.51 3.05 0.44
CA SER A 209 -14.90 4.10 -0.56
C SER A 209 -14.91 5.49 0.13
N PRO A 210 -14.36 6.58 -0.44
CA PRO A 210 -14.66 7.92 0.06
C PRO A 210 -16.10 8.32 -0.25
N PRO A 211 -16.67 9.27 0.51
CA PRO A 211 -18.10 9.58 0.39
C PRO A 211 -18.48 10.08 -1.01
N GLU A 212 -17.57 10.80 -1.68
CA GLU A 212 -17.81 11.39 -3.03
C GLU A 212 -17.90 10.27 -4.08
N TRP A 213 -17.23 9.13 -3.86
CA TRP A 213 -17.42 7.92 -4.73
C TRP A 213 -18.79 7.30 -4.50
N ILE A 214 -19.17 7.06 -3.25
CA ILE A 214 -20.50 6.48 -2.92
C ILE A 214 -21.63 7.35 -3.49
N ARG A 215 -21.56 8.67 -3.32
CA ARG A 215 -22.67 9.59 -3.67
C ARG A 215 -22.63 9.92 -5.17
N TYR A 216 -21.45 10.05 -5.77
CA TYR A 216 -21.35 10.65 -7.13
C TYR A 216 -20.51 9.84 -8.11
N HIS A 217 -19.79 8.82 -7.68
CA HIS A 217 -18.89 8.03 -8.59
C HIS A 217 -17.83 8.98 -9.19
N ARG A 218 -17.41 9.99 -8.43
CA ARG A 218 -16.37 11.00 -8.84
C ARG A 218 -15.46 11.23 -7.64
N TYR A 219 -14.16 11.38 -7.87
CA TYR A 219 -13.21 11.85 -6.83
C TYR A 219 -12.01 12.46 -7.52
N HIS A 220 -11.26 13.26 -6.77
CA HIS A 220 -9.90 13.73 -7.14
C HIS A 220 -8.87 12.89 -6.35
N GLY A 221 -7.73 12.60 -6.97
CA GLY A 221 -6.78 11.61 -6.42
C GLY A 221 -6.26 11.98 -5.03
N ARG A 222 -5.71 13.16 -4.87
CA ARG A 222 -5.02 13.53 -3.62
C ARG A 222 -6.02 13.57 -2.46
N SER A 223 -7.19 14.17 -2.66
CA SER A 223 -8.22 14.32 -1.59
C SER A 223 -8.82 12.95 -1.23
N ALA A 224 -9.01 12.03 -2.18
CA ALA A 224 -9.43 10.63 -1.88
C ALA A 224 -8.30 9.91 -1.11
N ALA A 225 -7.03 10.17 -1.42
CA ALA A 225 -5.91 9.55 -0.67
C ALA A 225 -5.98 9.99 0.81
N VAL A 226 -6.23 11.28 1.04
CA VAL A 226 -6.28 11.85 2.42
C VAL A 226 -7.44 11.17 3.17
N TRP A 227 -8.56 10.91 2.50
CA TRP A 227 -9.67 10.12 3.10
C TRP A 227 -9.12 8.78 3.57
N SER A 228 -8.45 8.06 2.70
CA SER A 228 -7.96 6.69 2.98
C SER A 228 -6.98 6.79 4.18
N LEU A 229 -6.27 7.90 4.29
CA LEU A 229 -5.27 8.09 5.37
C LEU A 229 -6.00 8.31 6.70
N GLY A 230 -7.14 9.01 6.68
CA GLY A 230 -7.99 9.15 7.86
C GLY A 230 -8.46 7.79 8.37
N ILE A 231 -8.91 6.94 7.45
CA ILE A 231 -9.40 5.59 7.75
C ILE A 231 -8.25 4.83 8.41
N LEU A 232 -7.06 4.95 7.87
CA LEU A 232 -5.88 4.20 8.32
C LEU A 232 -5.46 4.69 9.70
N LEU A 233 -5.44 6.02 9.92
CA LEU A 233 -5.04 6.53 11.25
C LEU A 233 -6.04 6.03 12.31
N TYR A 234 -7.34 6.12 12.06
CA TYR A 234 -8.41 5.59 12.97
C TYR A 234 -8.13 4.10 13.27
N ASP A 235 -7.92 3.31 12.21
CA ASP A 235 -7.57 1.88 12.25
C ASP A 235 -6.42 1.65 13.19
N MET A 236 -5.37 2.43 13.09
CA MET A 236 -4.17 2.24 13.96
C MET A 236 -4.50 2.52 15.43
N VAL A 237 -5.21 3.60 15.74
CA VAL A 237 -5.36 4.07 17.13
C VAL A 237 -6.60 3.42 17.77
N CYS A 238 -7.48 2.79 16.98
CA CYS A 238 -8.74 2.18 17.47
C CYS A 238 -8.68 0.65 17.31
N GLY A 239 -7.86 0.12 16.39
CA GLY A 239 -7.75 -1.32 16.17
C GLY A 239 -8.72 -1.84 15.12
N ASP A 240 -9.54 -0.98 14.54
CA ASP A 240 -10.34 -1.38 13.38
C ASP A 240 -10.80 -0.11 12.68
N ILE A 241 -11.27 -0.27 11.44
CA ILE A 241 -11.73 0.85 10.58
C ILE A 241 -12.99 1.44 11.16
N PRO A 242 -13.30 2.72 10.89
CA PRO A 242 -14.44 3.35 11.55
C PRO A 242 -15.81 2.99 10.97
N PHE A 243 -15.89 2.63 9.68
CA PHE A 243 -17.20 2.45 8.99
C PHE A 243 -17.29 1.06 8.37
N GLU A 244 -18.49 0.47 8.46
CA GLU A 244 -18.87 -0.80 7.79
C GLU A 244 -19.84 -0.56 6.63
N HIS A 245 -20.73 0.42 6.76
CA HIS A 245 -21.90 0.62 5.86
C HIS A 245 -21.79 1.98 5.14
N ASP A 246 -22.32 2.04 3.91
CA ASP A 246 -22.39 3.27 3.09
C ASP A 246 -22.96 4.43 3.93
N GLU A 247 -24.01 4.21 4.69
CA GLU A 247 -24.68 5.33 5.41
C GLU A 247 -23.72 5.87 6.48
N GLU A 248 -22.79 5.07 6.95
CA GLU A 248 -21.79 5.57 7.93
C GLU A 248 -20.76 6.40 7.17
N ILE A 249 -20.38 5.98 5.98
CA ILE A 249 -19.34 6.69 5.18
C ILE A 249 -19.86 8.10 4.82
N ILE A 250 -21.13 8.23 4.50
CA ILE A 250 -21.68 9.52 3.99
C ILE A 250 -22.32 10.31 5.14
N GLY A 251 -22.40 9.73 6.34
CA GLY A 251 -23.18 10.33 7.43
C GLY A 251 -22.42 11.45 8.09
N GLY A 252 -21.10 11.39 8.14
CA GLY A 252 -20.28 12.50 8.66
C GLY A 252 -20.08 12.44 10.17
N GLN A 253 -20.35 11.29 10.81
CA GLN A 253 -20.15 11.09 12.27
C GLN A 253 -18.99 10.11 12.47
N VAL A 254 -18.00 10.45 13.29
CA VAL A 254 -16.94 9.51 13.71
C VAL A 254 -17.10 9.22 15.20
N PHE A 255 -17.34 7.97 15.54
CA PHE A 255 -17.40 7.45 16.94
CA PHE A 255 -17.40 7.49 16.94
C PHE A 255 -16.06 6.82 17.30
N PHE A 256 -15.48 7.20 18.42
CA PHE A 256 -14.27 6.56 18.98
C PHE A 256 -14.68 5.54 20.07
N ARG A 257 -14.30 4.28 19.87
CA ARG A 257 -14.61 3.13 20.74
C ARG A 257 -13.48 2.98 21.80
N GLN A 258 -12.27 3.47 21.46
CA GLN A 258 -11.05 3.45 22.28
C GLN A 258 -10.70 4.88 22.72
N ARG A 259 -9.90 4.98 23.74
CA ARG A 259 -9.31 6.24 24.20
C ARG A 259 -8.32 6.75 23.15
N VAL A 260 -8.59 7.93 22.62
CA VAL A 260 -7.75 8.64 21.62
C VAL A 260 -7.67 10.11 22.05
N SER A 261 -6.47 10.71 21.99
CA SER A 261 -6.21 12.12 22.38
C SER A 261 -7.10 13.02 21.54
N SER A 262 -7.47 14.16 22.07
CA SER A 262 -8.30 15.14 21.34
C SER A 262 -7.58 15.59 20.05
N GLU A 263 -6.27 15.72 20.06
CA GLU A 263 -5.52 16.24 18.90
C GLU A 263 -5.51 15.17 17.81
N CYS A 264 -5.37 13.89 18.17
CA CYS A 264 -5.46 12.75 17.22
C CYS A 264 -6.88 12.66 16.67
N GLN A 265 -7.91 12.75 17.51
CA GLN A 265 -9.33 12.76 17.02
C GLN A 265 -9.51 13.91 16.01
N HIS A 266 -8.96 15.09 16.31
CA HIS A 266 -9.12 16.30 15.45
C HIS A 266 -8.54 16.00 14.05
N LEU A 267 -7.36 15.40 13.99
CA LEU A 267 -6.68 15.15 12.70
C LEU A 267 -7.50 14.11 11.91
N ILE A 268 -8.01 13.06 12.58
CA ILE A 268 -8.81 12.01 11.94
C ILE A 268 -10.08 12.63 11.35
N ARG A 269 -10.79 13.43 12.14
CA ARG A 269 -12.08 14.01 11.70
C ARG A 269 -11.80 14.95 10.52
N TRP A 270 -10.66 15.60 10.51
CA TRP A 270 -10.28 16.55 9.42
C TRP A 270 -10.00 15.76 8.13
N CYS A 271 -9.23 14.68 8.21
CA CYS A 271 -8.96 13.79 7.03
C CYS A 271 -10.28 13.19 6.51
N LEU A 272 -11.24 12.95 7.40
CA LEU A 272 -12.54 12.32 7.05
C LEU A 272 -13.62 13.37 6.88
N ALA A 273 -13.29 14.61 6.56
CA ALA A 273 -14.28 15.62 6.12
C ALA A 273 -15.10 15.08 4.93
N LEU A 274 -16.40 15.26 4.95
CA LEU A 274 -17.30 14.74 3.89
C LEU A 274 -16.94 15.39 2.56
N ARG A 275 -16.77 16.69 2.56
CA ARG A 275 -16.49 17.46 1.33
C ARG A 275 -14.98 17.40 1.04
N PRO A 276 -14.58 16.94 -0.17
CA PRO A 276 -13.14 16.82 -0.47
C PRO A 276 -12.36 18.10 -0.18
N SER A 277 -12.93 19.27 -0.53
CA SER A 277 -12.24 20.58 -0.38
C SER A 277 -11.99 20.89 1.09
N ASP A 278 -12.70 20.27 2.03
CA ASP A 278 -12.53 20.53 3.49
C ASP A 278 -11.36 19.70 4.08
N ARG A 279 -10.87 18.70 3.33
CA ARG A 279 -9.77 17.83 3.81
C ARG A 279 -8.45 18.60 3.80
N PRO A 280 -7.55 18.26 4.74
CA PRO A 280 -6.25 18.91 4.79
C PRO A 280 -5.40 18.53 3.59
N THR A 281 -4.51 19.41 3.19
CA THR A 281 -3.37 19.04 2.30
C THR A 281 -2.35 18.21 3.09
N PHE A 282 -1.40 17.63 2.40
CA PHE A 282 -0.30 16.86 3.03
C PHE A 282 0.50 17.79 3.95
N GLU A 283 0.67 19.04 3.56
CA GLU A 283 1.40 20.05 4.37
C GLU A 283 0.62 20.24 5.69
N GLU A 284 -0.69 20.40 5.59
CA GLU A 284 -1.54 20.69 6.78
C GLU A 284 -1.52 19.46 7.71
N ILE A 285 -1.54 18.26 7.15
CA ILE A 285 -1.51 17.02 7.97
C ILE A 285 -0.19 17.03 8.76
N GLN A 286 0.93 17.19 8.07
CA GLN A 286 2.27 17.00 8.67
C GLN A 286 2.62 18.20 9.57
N ASN A 287 1.92 19.32 9.47
CA ASN A 287 2.10 20.47 10.38
C ASN A 287 1.10 20.41 11.55
N HIS A 288 0.23 19.41 11.58
CA HIS A 288 -0.77 19.24 12.66
C HIS A 288 -0.09 19.00 14.02
N PRO A 289 -0.65 19.56 15.12
CA PRO A 289 -0.06 19.36 16.43
C PRO A 289 0.17 17.87 16.79
N TRP A 290 -0.71 16.97 16.38
CA TRP A 290 -0.59 15.55 16.75
C TRP A 290 0.69 14.99 16.11
N MET A 291 1.14 15.55 14.98
CA MET A 291 2.24 14.96 14.18
C MET A 291 3.63 15.46 14.63
N GLN A 292 3.75 16.27 15.69
CA GLN A 292 5.06 16.79 16.18
C GLN A 292 5.91 15.64 16.78
N ASP A 293 7.24 15.75 16.72
CA ASP A 293 8.16 14.93 17.56
CA ASP A 293 8.20 14.94 17.52
C ASP A 293 8.05 13.46 17.13
N VAL A 294 8.10 13.18 15.84
CA VAL A 294 7.99 11.80 15.34
C VAL A 294 9.31 11.10 15.66
N LEU A 295 9.24 9.85 16.09
CA LEU A 295 10.39 8.94 16.28
C LEU A 295 11.05 8.62 14.93
N LEU A 296 12.33 8.31 14.92
CA LEU A 296 13.04 7.73 13.74
C LEU A 296 12.63 6.26 13.60
N PRO A 297 12.63 5.71 12.39
CA PRO A 297 12.37 4.29 12.21
C PRO A 297 13.15 3.37 13.17
N GLN A 298 14.45 3.57 13.36
CA GLN A 298 15.25 2.63 14.21
C GLN A 298 14.81 2.79 15.68
N GLU A 299 14.61 4.04 16.15
CA GLU A 299 13.99 4.31 17.48
C GLU A 299 12.69 3.49 17.60
N THR A 300 11.86 3.54 16.56
CA THR A 300 10.52 2.92 16.58
C THR A 300 10.69 1.40 16.80
N ALA A 301 11.58 0.78 16.04
CA ALA A 301 11.92 -0.66 16.16
C ALA A 301 12.43 -0.97 17.57
N GLU A 302 13.33 -0.14 18.12
CA GLU A 302 13.96 -0.42 19.45
C GLU A 302 12.89 -0.38 20.53
N ILE A 303 12.00 0.62 20.48
CA ILE A 303 11.03 0.85 21.57
C ILE A 303 9.82 -0.06 21.36
N HIS A 304 9.38 -0.32 20.11
CA HIS A 304 8.05 -0.91 19.84
C HIS A 304 8.14 -2.28 19.19
N LEU A 305 9.18 -2.63 18.48
CA LEU A 305 9.11 -3.87 17.63
C LEU A 305 10.16 -4.91 18.06
N HIS A 306 11.14 -4.58 18.90
CA HIS A 306 12.21 -5.55 19.36
C HIS A 306 11.80 -6.15 20.71
#